data_2AP2
#
_entry.id   2AP2
#
_cell.length_a   68.792
_cell.length_b   82.659
_cell.length_c   93.978
_cell.angle_alpha   90.00
_cell.angle_beta   90.00
_cell.angle_gamma   90.00
#
_symmetry.space_group_name_H-M   'P 21 21 21'
#
loop_
_entity.id
_entity.type
_entity.pdbx_description
1 polymer 'SINGLE CHAIN FV'
2 polymer P-GLYCOPROTEIN
3 water water
#
loop_
_entity_poly.entity_id
_entity_poly.type
_entity_poly.pdbx_seq_one_letter_code
_entity_poly.pdbx_strand_id
1 'polypeptide(L)'
;FVRDIVMTQSPSSLTVTAGEKVTMSCKSSQSLLNSGNQKNYLTWYQQKPGQPPKLLIYWASTRESGVPDRFTGSGSGTDF
TLTISSVQAEDLAVYYCQNDYSYPLTFGAGTKLEPGGGGSGGGGSGKSGGGGEVQLQQSGAELVRPGASVKLSCTASGFN
IKDDFMHWVKQRPEQGLEWIGRIDPANDNTKYAPKFQDKATIIADTSSNTAYLQLSSLTSEDTAVYYCARREVYSYYSPL
DVWGAGTTVTVPSGSEQKLISEEDLNHHHHH
;
A,C
2 'polypeptide(L)' VVQEALDKAREGRT P,Q
#
# COMPACT_ATOMS: atom_id res chain seq x y z
N PHE A 1 -32.50 23.98 -34.94
CA PHE A 1 -32.75 22.68 -34.25
C PHE A 1 -32.32 22.73 -32.79
N VAL A 2 -33.27 22.64 -31.87
CA VAL A 2 -32.98 22.69 -30.45
C VAL A 2 -32.89 21.29 -29.89
N ARG A 3 -31.79 21.00 -29.19
CA ARG A 3 -31.56 19.68 -28.60
C ARG A 3 -32.61 19.21 -27.61
N ASP A 4 -32.15 18.52 -26.56
CA ASP A 4 -33.03 17.96 -25.53
C ASP A 4 -32.39 18.01 -24.15
N ILE A 5 -31.06 18.00 -24.13
CA ILE A 5 -30.30 17.98 -22.88
C ILE A 5 -30.16 16.52 -22.48
N VAL A 6 -28.96 15.99 -22.66
CA VAL A 6 -28.69 14.59 -22.32
C VAL A 6 -28.14 14.43 -20.91
N MET A 7 -28.64 13.43 -20.21
CA MET A 7 -28.18 13.13 -18.86
C MET A 7 -27.39 11.83 -18.92
N THR A 8 -26.10 11.90 -18.66
CA THR A 8 -25.26 10.71 -18.69
C THR A 8 -24.81 10.30 -17.31
N GLN A 9 -25.32 9.16 -16.84
CA GLN A 9 -24.96 8.63 -15.52
C GLN A 9 -23.94 7.51 -15.61
N SER A 10 -23.05 7.45 -14.63
CA SER A 10 -22.04 6.40 -14.59
C SER A 10 -21.47 6.29 -13.18
N PRO A 11 -21.13 5.07 -12.76
CA PRO A 11 -21.24 3.83 -13.54
C PRO A 11 -22.70 3.43 -13.65
N SER A 12 -23.02 2.57 -14.63
CA SER A 12 -24.38 2.10 -14.82
C SER A 12 -24.67 1.07 -13.73
N SER A 13 -23.71 0.18 -13.51
CA SER A 13 -23.83 -0.85 -12.49
C SER A 13 -22.63 -0.76 -11.56
N LEU A 14 -22.79 -1.24 -10.34
CA LEU A 14 -21.71 -1.20 -9.38
C LEU A 14 -21.96 -2.10 -8.16
N THR A 15 -21.28 -3.25 -8.13
CA THR A 15 -21.41 -4.16 -7.00
C THR A 15 -20.84 -3.43 -5.79
N VAL A 16 -21.61 -3.39 -4.71
CA VAL A 16 -21.18 -2.70 -3.50
C VAL A 16 -21.33 -3.57 -2.26
N THR A 17 -20.45 -3.34 -1.30
CA THR A 17 -20.45 -4.07 -0.04
C THR A 17 -20.79 -3.10 1.10
N ALA A 18 -21.68 -3.52 1.98
CA ALA A 18 -22.12 -2.71 3.10
C ALA A 18 -21.00 -1.88 3.74
N GLY A 19 -21.33 -0.64 4.11
CA GLY A 19 -20.35 0.24 4.73
C GLY A 19 -19.52 1.04 3.75
N GLU A 20 -19.26 0.45 2.58
CA GLU A 20 -18.49 1.07 1.52
C GLU A 20 -19.02 2.46 1.14
N LYS A 21 -18.19 3.25 0.47
CA LYS A 21 -18.58 4.58 0.03
C LYS A 21 -18.80 4.58 -1.48
N VAL A 22 -20.00 4.90 -1.92
CA VAL A 22 -20.31 4.93 -3.35
C VAL A 22 -20.46 6.36 -3.84
N THR A 23 -19.98 6.61 -5.06
CA THR A 23 -20.06 7.93 -5.67
C THR A 23 -20.60 7.82 -7.10
N MET A 24 -21.83 8.29 -7.29
CA MET A 24 -22.49 8.26 -8.58
C MET A 24 -22.37 9.61 -9.30
N SER A 25 -22.05 9.55 -10.60
CA SER A 25 -21.89 10.76 -11.40
C SER A 25 -23.01 11.00 -12.40
N CYS A 26 -23.42 12.26 -12.49
CA CYS A 26 -24.46 12.67 -13.40
C CYS A 26 -24.03 13.93 -14.14
N LYS A 27 -23.83 13.81 -15.45
CA LYS A 27 -23.42 14.95 -16.26
C LYS A 27 -24.53 15.31 -17.25
N SER A 28 -24.67 16.61 -17.52
CA SER A 28 -25.69 17.07 -18.45
C SER A 28 -25.05 17.74 -19.67
N SER A 29 -25.64 17.50 -20.83
CA SER A 29 -25.13 18.09 -22.07
C SER A 29 -25.12 19.61 -22.00
N GLN A 30 -26.03 20.18 -21.23
CA GLN A 30 -26.15 21.63 -21.12
C GLN A 30 -26.34 22.07 -19.69
N SER A 31 -26.06 23.34 -19.43
CA SER A 31 -26.18 23.90 -18.09
C SER A 31 -27.55 23.65 -17.50
N LEU A 32 -27.58 23.34 -16.21
CA LEU A 32 -28.83 23.09 -15.51
C LEU A 32 -28.96 24.19 -14.47
N LEU A 33 -28.07 25.17 -14.55
CA LEU A 33 -28.04 26.27 -13.60
C LEU A 33 -28.86 27.47 -14.02
N ASN A 34 -29.65 27.97 -13.07
CA ASN A 34 -30.49 29.14 -13.30
C ASN A 34 -29.79 30.31 -12.65
N SER A 35 -29.06 31.07 -13.44
CA SER A 35 -28.30 32.22 -12.96
C SER A 35 -29.16 33.24 -12.24
N GLY A 36 -30.47 33.16 -12.49
CA GLY A 36 -31.38 34.10 -11.86
C GLY A 36 -31.49 33.89 -10.37
N ASN A 37 -31.70 32.63 -9.97
CA ASN A 37 -31.82 32.29 -8.55
C ASN A 37 -30.66 31.39 -8.11
N GLN A 38 -29.64 31.33 -8.95
CA GLN A 38 -28.46 30.52 -8.67
C GLN A 38 -28.75 29.11 -8.19
N LYS A 39 -29.81 28.50 -8.71
CA LYS A 39 -30.16 27.14 -8.34
C LYS A 39 -29.90 26.17 -9.48
N ASN A 40 -29.43 24.98 -9.13
CA ASN A 40 -29.16 23.93 -10.11
C ASN A 40 -30.35 23.00 -10.12
N TYR A 41 -31.10 23.03 -11.22
CA TYR A 41 -32.29 22.21 -11.38
C TYR A 41 -31.98 20.77 -11.72
N LEU A 42 -31.44 20.06 -10.73
CA LEU A 42 -31.11 18.64 -10.85
C LEU A 42 -31.75 17.90 -9.69
N THR A 43 -32.47 16.83 -9.99
CA THR A 43 -33.14 16.05 -8.95
C THR A 43 -32.74 14.58 -9.04
N TRP A 44 -32.54 13.97 -7.88
CA TRP A 44 -32.16 12.56 -7.80
C TRP A 44 -33.33 11.69 -7.31
N TYR A 45 -33.53 10.56 -7.97
CA TYR A 45 -34.59 9.63 -7.62
C TYR A 45 -34.02 8.26 -7.30
N GLN A 46 -34.58 7.61 -6.29
CA GLN A 46 -34.16 6.28 -5.89
C GLN A 46 -35.31 5.36 -6.27
N GLN A 47 -35.02 4.24 -6.92
CA GLN A 47 -36.07 3.31 -7.34
C GLN A 47 -35.79 1.85 -7.06
N LYS A 48 -36.55 1.28 -6.14
CA LYS A 48 -36.44 -0.14 -5.79
C LYS A 48 -37.29 -0.90 -6.82
N PRO A 49 -36.94 -2.18 -7.10
CA PRO A 49 -37.69 -2.97 -8.06
C PRO A 49 -39.20 -3.01 -7.79
N GLY A 50 -39.99 -3.02 -8.87
CA GLY A 50 -41.43 -3.08 -8.74
C GLY A 50 -42.10 -1.82 -8.24
N GLN A 51 -41.33 -0.83 -7.84
CA GLN A 51 -41.89 0.42 -7.33
C GLN A 51 -41.60 1.61 -8.23
N PRO A 52 -42.28 2.74 -7.99
CA PRO A 52 -42.07 3.95 -8.78
C PRO A 52 -40.91 4.73 -8.17
N PRO A 53 -40.28 5.62 -8.93
CA PRO A 53 -39.15 6.40 -8.41
C PRO A 53 -39.51 7.18 -7.15
N LYS A 54 -38.61 7.14 -6.17
CA LYS A 54 -38.82 7.88 -4.92
C LYS A 54 -37.92 9.11 -4.99
N LEU A 55 -38.46 10.26 -4.61
CA LEU A 55 -37.70 11.50 -4.65
C LEU A 55 -36.61 11.51 -3.60
N LEU A 56 -35.36 11.67 -4.04
CA LEU A 56 -34.23 11.70 -3.13
C LEU A 56 -33.79 13.13 -2.84
N ILE A 57 -33.34 13.82 -3.89
CA ILE A 57 -32.86 15.20 -3.78
C ILE A 57 -33.29 16.07 -4.95
N TYR A 58 -33.47 17.36 -4.70
CA TYR A 58 -33.84 18.31 -5.73
C TYR A 58 -32.94 19.52 -5.61
N TRP A 59 -32.86 20.30 -6.68
CA TRP A 59 -32.01 21.49 -6.72
C TRP A 59 -30.57 21.11 -6.41
N ALA A 60 -30.20 19.91 -6.85
CA ALA A 60 -28.85 19.38 -6.72
C ALA A 60 -28.38 18.91 -5.35
N SER A 61 -28.69 19.65 -4.28
CA SER A 61 -28.21 19.24 -2.97
C SER A 61 -29.22 19.17 -1.83
N THR A 62 -30.43 19.67 -2.06
CA THR A 62 -31.45 19.65 -1.00
C THR A 62 -32.14 18.30 -0.90
N ARG A 63 -31.97 17.66 0.27
CA ARG A 63 -32.56 16.36 0.53
C ARG A 63 -34.03 16.49 0.84
N GLU A 64 -34.83 15.59 0.29
CA GLU A 64 -36.27 15.59 0.55
C GLU A 64 -36.44 15.16 2.00
N SER A 65 -37.51 15.61 2.64
CA SER A 65 -37.77 15.23 4.03
C SER A 65 -37.78 13.72 4.22
N GLY A 66 -36.93 13.24 5.14
CA GLY A 66 -36.89 11.82 5.41
C GLY A 66 -35.70 11.03 4.91
N VAL A 67 -34.90 11.62 4.02
CA VAL A 67 -33.74 10.89 3.50
C VAL A 67 -32.52 11.07 4.41
N PRO A 68 -31.91 9.95 4.84
CA PRO A 68 -30.74 9.96 5.72
C PRO A 68 -29.57 10.83 5.25
N ASP A 69 -28.89 11.43 6.22
CA ASP A 69 -27.74 12.31 5.98
C ASP A 69 -26.62 11.64 5.19
N ARG A 70 -26.57 10.31 5.20
CA ARG A 70 -25.53 9.59 4.48
C ARG A 70 -25.64 9.80 2.98
N PHE A 71 -26.71 10.48 2.56
CA PHE A 71 -26.92 10.78 1.14
C PHE A 71 -26.52 12.25 0.93
N THR A 72 -25.71 12.51 -0.10
CA THR A 72 -25.28 13.88 -0.37
C THR A 72 -25.27 14.24 -1.85
N GLY A 73 -26.02 15.28 -2.19
CA GLY A 73 -26.06 15.73 -3.57
C GLY A 73 -25.15 16.93 -3.73
N SER A 74 -24.26 16.87 -4.72
CA SER A 74 -23.33 17.95 -4.97
C SER A 74 -23.14 18.20 -6.47
N GLY A 75 -22.43 19.26 -6.80
CA GLY A 75 -22.17 19.59 -8.20
C GLY A 75 -22.84 20.88 -8.58
N SER A 76 -22.48 21.42 -9.74
CA SER A 76 -23.05 22.67 -10.21
C SER A 76 -22.99 22.76 -11.74
N GLY A 77 -23.94 23.48 -12.31
CA GLY A 77 -24.00 23.67 -13.75
C GLY A 77 -24.17 22.44 -14.63
N THR A 78 -23.07 21.76 -14.93
CA THR A 78 -23.14 20.58 -15.79
C THR A 78 -22.56 19.29 -15.19
N ASP A 79 -21.94 19.38 -14.02
CA ASP A 79 -21.36 18.20 -13.40
C ASP A 79 -21.95 17.97 -12.02
N PHE A 80 -22.71 16.89 -11.89
CA PHE A 80 -23.34 16.58 -10.61
C PHE A 80 -22.97 15.19 -10.12
N THR A 81 -22.98 15.02 -8.80
CA THR A 81 -22.65 13.74 -8.19
C THR A 81 -23.50 13.42 -6.95
N LEU A 82 -23.84 12.14 -6.79
CA LEU A 82 -24.62 11.69 -5.64
C LEU A 82 -23.69 10.77 -4.84
N THR A 83 -23.55 11.05 -3.55
CA THR A 83 -22.68 10.24 -2.70
C THR A 83 -23.37 9.64 -1.48
N ILE A 84 -23.03 8.39 -1.19
CA ILE A 84 -23.57 7.68 -0.03
C ILE A 84 -22.43 7.38 0.91
N SER A 85 -22.23 8.22 1.91
CA SER A 85 -21.16 7.99 2.88
C SER A 85 -21.55 6.77 3.71
N SER A 86 -21.11 5.60 3.25
CA SER A 86 -21.38 4.33 3.90
C SER A 86 -22.71 3.74 3.42
N VAL A 87 -22.63 2.81 2.48
CA VAL A 87 -23.80 2.16 1.90
C VAL A 87 -24.48 1.16 2.84
N GLN A 88 -25.79 1.30 2.98
CA GLN A 88 -26.58 0.40 3.82
C GLN A 88 -27.23 -0.63 2.91
N ALA A 89 -27.84 -1.65 3.51
CA ALA A 89 -28.49 -2.68 2.73
C ALA A 89 -29.68 -2.09 1.99
N GLU A 90 -30.62 -1.52 2.75
CA GLU A 90 -31.82 -0.92 2.15
C GLU A 90 -31.50 0.23 1.21
N ASP A 91 -30.22 0.42 0.92
CA ASP A 91 -29.78 1.49 0.04
C ASP A 91 -29.64 1.07 -1.42
N LEU A 92 -29.60 -0.23 -1.69
CA LEU A 92 -29.46 -0.74 -3.04
C LEU A 92 -30.23 0.03 -4.12
N ALA A 93 -31.08 -0.66 -4.85
CA ALA A 93 -31.89 -0.03 -5.90
C ALA A 93 -31.08 0.69 -6.99
N VAL A 94 -31.80 1.37 -7.87
CA VAL A 94 -31.20 2.13 -8.98
C VAL A 94 -31.42 3.61 -8.72
N TYR A 95 -30.51 4.45 -9.20
CA TYR A 95 -30.62 5.90 -9.00
C TYR A 95 -30.61 6.69 -10.30
N TYR A 96 -31.55 7.61 -10.41
CA TYR A 96 -31.69 8.44 -11.60
C TYR A 96 -31.57 9.92 -11.27
N CYS A 97 -30.92 10.65 -12.15
CA CYS A 97 -30.80 12.10 -11.97
C CYS A 97 -31.65 12.69 -13.06
N GLN A 98 -32.32 13.80 -12.77
CA GLN A 98 -33.19 14.41 -13.75
C GLN A 98 -32.99 15.89 -14.03
N ASN A 99 -33.06 16.25 -15.30
CA ASN A 99 -32.94 17.64 -15.71
C ASN A 99 -34.30 18.30 -15.48
N ASP A 100 -34.35 19.28 -14.58
CA ASP A 100 -35.59 19.97 -14.29
C ASP A 100 -35.46 21.45 -14.63
N TYR A 101 -34.43 21.76 -15.42
CA TYR A 101 -34.16 23.14 -15.83
C TYR A 101 -35.06 23.61 -16.97
N SER A 102 -35.07 22.85 -18.06
CA SER A 102 -35.88 23.21 -19.22
C SER A 102 -36.47 21.99 -19.94
N TYR A 103 -37.61 22.21 -20.58
CA TYR A 103 -38.31 21.16 -21.31
C TYR A 103 -37.58 20.76 -22.58
N PRO A 104 -37.62 19.47 -22.93
CA PRO A 104 -38.33 18.44 -22.16
C PRO A 104 -37.50 17.93 -20.98
N LEU A 105 -38.17 17.61 -19.88
CA LEU A 105 -37.48 17.09 -18.72
C LEU A 105 -36.89 15.76 -19.18
N THR A 106 -35.63 15.50 -18.85
CA THR A 106 -34.99 14.26 -19.28
C THR A 106 -34.32 13.59 -18.10
N PHE A 107 -34.29 12.26 -18.12
CA PHE A 107 -33.66 11.48 -17.07
C PHE A 107 -32.41 10.78 -17.58
N GLY A 108 -31.52 10.43 -16.65
CA GLY A 108 -30.30 9.73 -17.01
C GLY A 108 -30.59 8.24 -16.98
N ALA A 109 -29.66 7.44 -17.52
CA ALA A 109 -29.83 6.00 -17.55
C ALA A 109 -29.73 5.41 -16.14
N GLY A 110 -29.26 6.20 -15.19
CA GLY A 110 -29.17 5.72 -13.82
C GLY A 110 -27.97 4.86 -13.45
N THR A 111 -27.80 4.68 -12.14
CA THR A 111 -26.73 3.84 -11.60
C THR A 111 -27.33 2.75 -10.70
N LYS A 112 -27.29 1.52 -11.17
CA LYS A 112 -27.82 0.40 -10.41
C LYS A 112 -26.78 -0.12 -9.40
N LEU A 113 -27.12 -0.08 -8.12
CA LEU A 113 -26.23 -0.58 -7.07
C LEU A 113 -26.45 -2.06 -6.82
N GLU A 114 -25.47 -2.86 -7.21
CA GLU A 114 -25.52 -4.31 -7.07
C GLU A 114 -24.87 -4.74 -5.76
N PRO A 115 -25.43 -5.77 -5.09
CA PRO A 115 -24.82 -6.20 -3.83
C PRO A 115 -23.60 -7.10 -4.11
N GLU A 133 -55.46 10.57 2.01
CA GLU A 133 -53.97 10.42 2.04
C GLU A 133 -53.42 10.63 0.62
N VAL A 134 -52.56 11.64 0.46
CA VAL A 134 -51.97 11.96 -0.84
C VAL A 134 -51.40 10.75 -1.57
N GLN A 135 -51.95 10.49 -2.76
CA GLN A 135 -51.50 9.37 -3.58
C GLN A 135 -52.10 9.55 -4.97
N LEU A 136 -51.69 8.71 -5.91
CA LEU A 136 -52.20 8.75 -7.27
C LEU A 136 -52.64 7.35 -7.66
N GLN A 137 -53.93 7.20 -7.95
CA GLN A 137 -54.48 5.92 -8.33
C GLN A 137 -54.44 5.75 -9.83
N GLN A 138 -53.77 4.71 -10.30
CA GLN A 138 -53.65 4.44 -11.72
C GLN A 138 -54.44 3.22 -12.17
N SER A 139 -55.00 3.31 -13.37
CA SER A 139 -55.79 2.23 -13.96
C SER A 139 -55.04 0.89 -14.06
N GLY A 140 -55.81 -0.19 -14.22
CA GLY A 140 -55.22 -1.51 -14.31
C GLY A 140 -54.27 -1.75 -15.46
N ALA A 141 -53.59 -2.89 -15.43
CA ALA A 141 -52.63 -3.26 -16.47
C ALA A 141 -53.33 -3.44 -17.81
N GLU A 142 -52.60 -3.16 -18.90
CA GLU A 142 -53.16 -3.28 -20.24
C GLU A 142 -52.39 -4.23 -21.15
N LEU A 143 -53.14 -4.94 -21.99
CA LEU A 143 -52.58 -5.88 -22.97
C LEU A 143 -53.16 -5.40 -24.29
N VAL A 144 -52.31 -4.96 -25.21
CA VAL A 144 -52.81 -4.45 -26.48
C VAL A 144 -52.03 -4.89 -27.71
N ARG A 145 -52.73 -4.94 -28.84
CA ARG A 145 -52.17 -5.34 -30.12
C ARG A 145 -51.47 -4.19 -30.82
N PRO A 146 -50.40 -4.49 -31.56
CA PRO A 146 -49.69 -3.42 -32.27
C PRO A 146 -50.65 -2.66 -33.19
N GLY A 147 -50.54 -1.34 -33.20
CA GLY A 147 -51.41 -0.54 -34.04
C GLY A 147 -52.62 0.03 -33.31
N ALA A 148 -52.97 -0.58 -32.19
CA ALA A 148 -54.11 -0.12 -31.40
C ALA A 148 -53.77 1.07 -30.49
N SER A 149 -54.77 1.55 -29.76
CA SER A 149 -54.60 2.68 -28.86
C SER A 149 -55.17 2.31 -27.50
N VAL A 150 -54.66 2.92 -26.44
CA VAL A 150 -55.13 2.63 -25.10
C VAL A 150 -55.06 3.88 -24.23
N LYS A 151 -56.01 3.99 -23.31
CA LYS A 151 -56.07 5.14 -22.41
C LYS A 151 -55.77 4.72 -20.98
N LEU A 152 -54.84 5.44 -20.36
CA LEU A 152 -54.44 5.18 -18.99
C LEU A 152 -55.01 6.29 -18.13
N SER A 153 -55.36 5.97 -16.89
CA SER A 153 -55.93 6.99 -16.00
C SER A 153 -55.11 7.20 -14.72
N CYS A 154 -55.21 8.41 -14.17
CA CYS A 154 -54.50 8.78 -12.96
C CYS A 154 -55.39 9.69 -12.11
N THR A 155 -55.82 9.19 -10.96
CA THR A 155 -56.71 9.95 -10.08
C THR A 155 -56.02 10.32 -8.78
N ALA A 156 -55.99 11.62 -8.47
CA ALA A 156 -55.37 12.11 -7.25
C ALA A 156 -56.26 11.80 -6.06
N SER A 157 -55.69 11.17 -5.04
CA SER A 157 -56.45 10.82 -3.84
C SER A 157 -55.89 11.47 -2.58
N GLY A 158 -55.93 12.80 -2.52
CA GLY A 158 -55.42 13.49 -1.36
C GLY A 158 -55.19 14.95 -1.64
N PHE A 159 -55.45 15.37 -2.87
CA PHE A 159 -55.28 16.76 -3.27
C PHE A 159 -56.07 17.07 -4.54
N ASN A 160 -56.13 18.35 -4.88
CA ASN A 160 -56.85 18.78 -6.07
C ASN A 160 -55.88 18.99 -7.24
N ILE A 161 -56.10 18.23 -8.32
CA ILE A 161 -55.24 18.29 -9.50
C ILE A 161 -55.19 19.67 -10.15
N LYS A 162 -56.14 20.52 -9.80
CA LYS A 162 -56.20 21.88 -10.34
C LYS A 162 -55.09 22.72 -9.69
N ASP A 163 -54.43 22.12 -8.70
CA ASP A 163 -53.34 22.77 -7.97
C ASP A 163 -52.00 22.20 -8.37
N ASP A 164 -52.00 21.32 -9.37
CA ASP A 164 -50.75 20.69 -9.82
C ASP A 164 -50.65 20.49 -11.33
N PHE A 165 -49.43 20.20 -11.76
CA PHE A 165 -49.14 19.89 -13.17
C PHE A 165 -49.11 18.37 -13.14
N MET A 166 -49.90 17.71 -13.98
CA MET A 166 -49.90 16.26 -13.99
C MET A 166 -48.95 15.76 -15.07
N HIS A 167 -47.93 15.00 -14.66
CA HIS A 167 -46.95 14.46 -15.59
C HIS A 167 -47.15 12.98 -15.89
N TRP A 168 -46.59 12.56 -17.04
CA TRP A 168 -46.64 11.17 -17.46
C TRP A 168 -45.23 10.69 -17.80
N VAL A 169 -44.76 9.66 -17.12
CA VAL A 169 -43.43 9.14 -17.34
C VAL A 169 -43.48 7.71 -17.83
N LYS A 170 -42.58 7.38 -18.75
CA LYS A 170 -42.51 6.04 -19.32
C LYS A 170 -41.25 5.32 -18.85
N GLN A 171 -41.33 4.00 -18.79
CA GLN A 171 -40.17 3.19 -18.37
C GLN A 171 -40.30 1.75 -18.86
N ARG A 172 -39.50 1.40 -19.88
CA ARG A 172 -39.50 0.04 -20.42
C ARG A 172 -38.64 -0.86 -19.54
N PRO A 173 -38.67 -2.19 -19.78
CA PRO A 173 -37.88 -3.14 -19.00
C PRO A 173 -36.42 -2.73 -18.79
N GLU A 174 -35.88 -1.91 -19.71
CA GLU A 174 -34.51 -1.44 -19.59
C GLU A 174 -34.32 -0.90 -18.18
N GLN A 175 -34.89 0.27 -17.93
CA GLN A 175 -34.85 0.96 -16.63
C GLN A 175 -34.93 2.46 -16.83
N GLY A 176 -34.46 2.92 -17.99
CA GLY A 176 -34.47 4.34 -18.26
C GLY A 176 -35.82 5.02 -18.19
N LEU A 177 -35.89 6.10 -17.44
CA LEU A 177 -37.12 6.87 -17.30
C LEU A 177 -37.22 7.87 -18.44
N GLU A 178 -38.42 7.98 -19.03
CA GLU A 178 -38.65 8.89 -20.15
C GLU A 178 -39.83 9.82 -19.91
N TRP A 179 -39.57 11.13 -19.91
CA TRP A 179 -40.63 12.10 -19.70
C TRP A 179 -41.51 12.19 -20.94
N ILE A 180 -42.81 11.99 -20.77
CA ILE A 180 -43.73 12.04 -21.89
C ILE A 180 -44.33 13.44 -22.06
N GLY A 181 -44.66 14.07 -20.93
CA GLY A 181 -45.25 15.39 -21.01
C GLY A 181 -45.94 15.76 -19.71
N ARG A 182 -46.70 16.86 -19.72
CA ARG A 182 -47.40 17.31 -18.54
C ARG A 182 -48.52 18.28 -18.95
N ILE A 183 -49.55 18.38 -18.12
CA ILE A 183 -50.66 19.26 -18.42
C ILE A 183 -51.05 20.11 -17.21
N ASP A 184 -51.55 21.32 -17.47
CA ASP A 184 -51.96 22.22 -16.39
C ASP A 184 -53.48 22.16 -16.31
N PRO A 185 -54.01 21.29 -15.43
CA PRO A 185 -55.46 21.10 -15.25
C PRO A 185 -56.30 22.37 -15.18
N ALA A 186 -55.68 23.47 -14.74
CA ALA A 186 -56.38 24.75 -14.61
C ALA A 186 -56.64 25.41 -15.96
N ASN A 187 -55.61 25.47 -16.80
CA ASN A 187 -55.74 26.09 -18.12
C ASN A 187 -55.57 25.06 -19.22
N ASP A 188 -55.59 23.77 -18.86
CA ASP A 188 -55.40 22.69 -19.83
C ASP A 188 -54.15 22.87 -20.68
N ASN A 189 -53.19 23.65 -20.21
CA ASN A 189 -51.96 23.87 -20.95
C ASN A 189 -51.13 22.60 -20.86
N THR A 190 -50.69 22.08 -22.00
CA THR A 190 -49.91 20.85 -22.03
C THR A 190 -48.56 21.07 -22.69
N LYS A 191 -47.59 20.26 -22.30
CA LYS A 191 -46.25 20.35 -22.86
C LYS A 191 -45.83 18.91 -23.10
N TYR A 192 -45.36 18.62 -24.31
CA TYR A 192 -44.95 17.26 -24.66
C TYR A 192 -43.50 17.14 -25.02
N ALA A 193 -42.90 16.00 -24.66
CA ALA A 193 -41.53 15.75 -25.01
C ALA A 193 -41.58 15.58 -26.52
N PRO A 194 -40.54 16.04 -27.24
CA PRO A 194 -40.50 15.94 -28.70
C PRO A 194 -40.82 14.56 -29.30
N LYS A 195 -40.20 13.51 -28.78
CA LYS A 195 -40.41 12.16 -29.32
C LYS A 195 -41.79 11.55 -29.05
N PHE A 196 -42.55 12.16 -28.16
CA PHE A 196 -43.89 11.64 -27.82
C PHE A 196 -44.98 12.60 -28.25
N GLN A 197 -44.60 13.63 -29.00
CA GLN A 197 -45.55 14.64 -29.45
C GLN A 197 -46.71 14.07 -30.26
N ASP A 198 -46.49 12.92 -30.89
CA ASP A 198 -47.53 12.28 -31.71
C ASP A 198 -48.15 11.06 -31.03
N LYS A 199 -47.31 10.20 -30.49
CA LYS A 199 -47.77 8.98 -29.83
C LYS A 199 -48.57 9.20 -28.55
N ALA A 200 -48.48 10.39 -27.96
CA ALA A 200 -49.19 10.66 -26.72
C ALA A 200 -50.07 11.90 -26.71
N THR A 201 -51.14 11.82 -25.92
CA THR A 201 -52.09 12.90 -25.75
C THR A 201 -52.49 12.88 -24.28
N ILE A 202 -52.25 13.98 -23.57
CA ILE A 202 -52.59 14.06 -22.15
C ILE A 202 -53.82 14.93 -21.91
N ILE A 203 -54.81 14.37 -21.23
CA ILE A 203 -56.06 15.08 -20.96
C ILE A 203 -56.33 15.17 -19.47
N ALA A 204 -57.05 16.20 -19.06
CA ALA A 204 -57.36 16.37 -17.65
C ALA A 204 -58.85 16.64 -17.39
N ASP A 205 -59.36 16.03 -16.32
CA ASP A 205 -60.75 16.22 -15.92
C ASP A 205 -60.76 16.55 -14.44
N THR A 206 -60.63 17.84 -14.13
CA THR A 206 -60.60 18.30 -12.75
C THR A 206 -61.86 17.88 -11.99
N SER A 207 -62.96 17.70 -12.71
CA SER A 207 -64.22 17.29 -12.11
C SER A 207 -64.00 16.02 -11.30
N SER A 208 -63.46 15.00 -11.95
CA SER A 208 -63.19 13.72 -11.28
C SER A 208 -61.79 13.72 -10.68
N ASN A 209 -61.05 14.80 -10.90
CA ASN A 209 -59.69 14.93 -10.38
C ASN A 209 -58.82 13.80 -10.94
N THR A 210 -58.95 13.59 -12.25
CA THR A 210 -58.20 12.53 -12.93
C THR A 210 -57.50 13.02 -14.20
N ALA A 211 -56.33 12.44 -14.46
CA ALA A 211 -55.54 12.78 -15.64
C ALA A 211 -55.46 11.54 -16.52
N TYR A 212 -55.58 11.75 -17.83
CA TYR A 212 -55.52 10.64 -18.76
C TYR A 212 -54.34 10.75 -19.72
N LEU A 213 -53.93 9.60 -20.26
CA LEU A 213 -52.83 9.55 -21.20
C LEU A 213 -53.23 8.54 -22.27
N GLN A 214 -53.21 8.97 -23.53
CA GLN A 214 -53.58 8.06 -24.61
C GLN A 214 -52.43 7.83 -25.56
N LEU A 215 -52.16 6.56 -25.84
CA LEU A 215 -51.12 6.16 -26.77
C LEU A 215 -51.82 5.58 -27.99
N SER A 216 -51.41 6.00 -29.18
CA SER A 216 -52.01 5.50 -30.41
C SER A 216 -50.94 4.83 -31.25
N SER A 217 -51.35 4.00 -32.19
CA SER A 217 -50.41 3.29 -33.06
C SER A 217 -49.34 2.62 -32.19
N LEU A 218 -49.79 1.78 -31.26
CA LEU A 218 -48.90 1.08 -30.36
C LEU A 218 -48.06 0.06 -31.07
N THR A 219 -46.79 -0.05 -30.65
CA THR A 219 -45.85 -1.01 -31.19
C THR A 219 -45.23 -1.70 -29.97
N SER A 220 -44.33 -2.65 -30.21
CA SER A 220 -43.68 -3.34 -29.10
C SER A 220 -42.77 -2.35 -28.37
N GLU A 221 -42.43 -1.27 -29.06
CA GLU A 221 -41.59 -0.21 -28.50
C GLU A 221 -42.36 0.53 -27.39
N ASP A 222 -43.66 0.24 -27.28
CA ASP A 222 -44.49 0.89 -26.27
C ASP A 222 -44.71 0.02 -25.05
N THR A 223 -44.19 -1.21 -25.10
CA THR A 223 -44.33 -2.11 -23.97
C THR A 223 -43.47 -1.52 -22.86
N ALA A 224 -44.12 -1.14 -21.75
CA ALA A 224 -43.39 -0.56 -20.63
C ALA A 224 -44.31 -0.24 -19.47
N VAL A 225 -43.74 0.40 -18.45
CA VAL A 225 -44.51 0.79 -17.27
C VAL A 225 -44.68 2.30 -17.33
N TYR A 226 -45.93 2.76 -17.31
CA TYR A 226 -46.20 4.19 -17.38
C TYR A 226 -46.61 4.73 -16.03
N TYR A 227 -45.90 5.75 -15.57
CA TYR A 227 -46.15 6.37 -14.28
C TYR A 227 -46.68 7.77 -14.47
N CYS A 228 -47.52 8.21 -13.54
CA CYS A 228 -48.02 9.58 -13.58
C CYS A 228 -47.46 10.23 -12.34
N ALA A 229 -47.31 11.53 -12.38
CA ALA A 229 -46.75 12.23 -11.23
C ALA A 229 -47.29 13.64 -11.16
N ARG A 230 -47.10 14.28 -10.01
CA ARG A 230 -47.58 15.64 -9.82
C ARG A 230 -46.48 16.61 -9.42
N ARG A 231 -46.71 17.88 -9.71
CA ARG A 231 -45.79 18.95 -9.35
C ARG A 231 -46.65 20.10 -8.90
N GLU A 232 -46.56 20.45 -7.61
CA GLU A 232 -47.33 21.56 -7.07
C GLU A 232 -46.91 22.82 -7.80
N VAL A 233 -47.83 23.75 -7.97
CA VAL A 233 -47.52 24.99 -8.67
C VAL A 233 -47.78 26.22 -7.81
N TYR A 234 -48.08 25.98 -6.53
CA TYR A 234 -48.35 27.07 -5.60
C TYR A 234 -47.09 27.51 -4.87
N SER A 235 -46.17 26.57 -4.67
CA SER A 235 -44.90 26.88 -4.03
C SER A 235 -44.06 27.63 -5.06
N TYR A 236 -42.95 28.21 -4.64
CA TYR A 236 -42.10 28.91 -5.60
C TYR A 236 -41.62 27.84 -6.57
N TYR A 237 -41.18 26.72 -6.02
CA TYR A 237 -40.70 25.61 -6.81
C TYR A 237 -40.82 24.29 -6.04
N SER A 238 -41.00 23.21 -6.78
CA SER A 238 -41.12 21.88 -6.20
C SER A 238 -40.86 20.86 -7.30
N PRO A 239 -40.13 19.78 -6.98
CA PRO A 239 -39.84 18.75 -7.97
C PRO A 239 -41.04 17.81 -8.11
N LEU A 240 -40.82 16.64 -8.72
CA LEU A 240 -41.89 15.67 -8.89
C LEU A 240 -41.78 14.72 -7.72
N ASP A 241 -42.62 14.94 -6.70
CA ASP A 241 -42.59 14.13 -5.48
C ASP A 241 -43.51 12.93 -5.41
N VAL A 242 -44.79 13.12 -5.74
CA VAL A 242 -45.74 12.02 -5.66
C VAL A 242 -45.89 11.27 -6.97
N TRP A 243 -45.55 9.99 -6.95
CA TRP A 243 -45.63 9.15 -8.15
C TRP A 243 -46.57 7.97 -7.91
N GLY A 244 -47.45 7.72 -8.87
CA GLY A 244 -48.37 6.59 -8.75
C GLY A 244 -47.59 5.29 -8.85
N ALA A 245 -48.27 4.17 -8.64
CA ALA A 245 -47.61 2.87 -8.72
C ALA A 245 -47.25 2.51 -10.15
N GLY A 246 -47.95 3.13 -11.10
CA GLY A 246 -47.66 2.85 -12.50
C GLY A 246 -48.55 1.78 -13.10
N THR A 247 -48.80 1.87 -14.40
CA THR A 247 -49.62 0.89 -15.09
C THR A 247 -48.80 0.21 -16.18
N THR A 248 -48.73 -1.11 -16.12
CA THR A 248 -47.97 -1.87 -17.10
C THR A 248 -48.76 -2.00 -18.39
N VAL A 249 -48.17 -1.57 -19.50
CA VAL A 249 -48.81 -1.67 -20.80
C VAL A 249 -47.98 -2.63 -21.65
N THR A 250 -48.57 -3.76 -22.02
CA THR A 250 -47.88 -4.76 -22.81
C THR A 250 -48.38 -4.80 -24.25
N VAL A 251 -47.45 -4.59 -25.18
CA VAL A 251 -47.77 -4.64 -26.59
C VAL A 251 -46.97 -5.77 -27.24
N PRO A 252 -47.49 -7.01 -27.17
CA PRO A 252 -46.81 -8.17 -27.76
C PRO A 252 -46.74 -8.06 -29.27
N SER A 253 -45.55 -8.24 -29.84
CA SER A 253 -45.38 -8.15 -31.28
C SER A 253 -45.74 -9.50 -31.90
N GLY A 254 -46.24 -9.47 -33.13
CA GLY A 254 -46.63 -10.69 -33.81
C GLY A 254 -47.34 -10.44 -35.12
N SER A 255 -47.70 -11.54 -35.79
CA SER A 255 -48.40 -11.51 -37.06
C SER A 255 -47.68 -10.67 -38.10
N GLU A 256 -47.59 -9.44 -37.87
N PHE B 1 13.15 -13.52 12.44
CA PHE B 1 14.25 -12.76 13.12
C PHE B 1 15.19 -13.75 13.81
N VAL B 2 16.43 -13.84 13.33
CA VAL B 2 17.42 -14.74 13.92
C VAL B 2 18.49 -13.95 14.66
N ARG B 3 18.62 -14.23 15.95
CA ARG B 3 19.59 -13.53 16.78
C ARG B 3 21.02 -13.91 16.45
N ASP B 4 21.91 -12.93 16.53
CA ASP B 4 23.33 -13.15 16.24
C ASP B 4 24.04 -13.80 17.43
N ILE B 5 24.87 -14.80 17.15
CA ILE B 5 25.61 -15.50 18.19
C ILE B 5 26.47 -14.60 19.10
N VAL B 6 26.23 -14.70 20.40
CA VAL B 6 26.97 -13.90 21.37
C VAL B 6 28.07 -14.73 22.04
N MET B 7 29.26 -14.15 22.10
CA MET B 7 30.41 -14.82 22.71
C MET B 7 30.76 -14.16 24.02
N THR B 8 30.72 -14.91 25.11
CA THR B 8 31.05 -14.38 26.43
C THR B 8 32.29 -15.04 26.98
N GLN B 9 33.28 -14.24 27.37
CA GLN B 9 34.52 -14.75 27.91
C GLN B 9 34.77 -14.40 29.37
N SER B 10 35.21 -15.42 30.12
CA SER B 10 35.50 -15.26 31.53
C SER B 10 36.82 -15.95 31.91
N PRO B 11 37.65 -15.28 32.73
CA PRO B 11 37.37 -13.95 33.29
C PRO B 11 37.65 -12.89 32.23
N SER B 12 37.38 -11.64 32.54
CA SER B 12 37.63 -10.55 31.60
C SER B 12 39.14 -10.27 31.62
N SER B 13 39.77 -10.63 32.73
CA SER B 13 41.20 -10.47 32.91
C SER B 13 41.67 -11.57 33.85
N LEU B 14 42.87 -11.43 34.40
CA LEU B 14 43.41 -12.43 35.31
C LEU B 14 44.90 -12.23 35.58
N THR B 15 45.22 -11.65 36.73
CA THR B 15 46.63 -11.45 37.09
C THR B 15 47.20 -12.85 37.23
N VAL B 16 48.40 -13.06 36.69
CA VAL B 16 49.01 -14.38 36.75
C VAL B 16 50.50 -14.31 37.08
N THR B 17 51.12 -15.47 37.25
CA THR B 17 52.55 -15.56 37.56
C THR B 17 53.20 -16.82 36.95
N ALA B 18 54.24 -16.59 36.15
CA ALA B 18 54.97 -17.64 35.46
C ALA B 18 55.00 -18.99 36.16
N GLY B 19 54.52 -20.02 35.46
CA GLY B 19 54.51 -21.36 36.03
C GLY B 19 53.16 -21.98 36.35
N GLU B 20 52.17 -21.14 36.64
CA GLU B 20 50.84 -21.63 36.99
C GLU B 20 50.00 -21.96 35.77
N LYS B 21 49.06 -22.88 35.94
CA LYS B 21 48.16 -23.29 34.86
C LYS B 21 46.96 -22.38 34.81
N VAL B 22 46.70 -21.80 33.64
CA VAL B 22 45.56 -20.90 33.46
C VAL B 22 44.49 -21.51 32.56
N THR B 23 43.24 -21.16 32.84
CA THR B 23 42.10 -21.66 32.06
C THR B 23 41.14 -20.54 31.74
N MET B 24 40.98 -20.24 30.45
CA MET B 24 40.09 -19.19 30.00
C MET B 24 38.86 -19.82 29.38
N SER B 25 37.68 -19.39 29.82
CA SER B 25 36.43 -19.93 29.29
C SER B 25 35.80 -19.05 28.22
N CYS B 26 35.18 -19.70 27.24
CA CYS B 26 34.51 -19.01 26.15
C CYS B 26 33.20 -19.74 25.90
N LYS B 27 32.10 -19.00 25.94
CA LYS B 27 30.79 -19.59 25.72
C LYS B 27 30.07 -18.96 24.53
N SER B 28 29.36 -19.80 23.78
CA SER B 28 28.61 -19.35 22.62
C SER B 28 27.11 -19.42 22.92
N SER B 29 26.41 -18.32 22.66
CA SER B 29 24.98 -18.26 22.91
C SER B 29 24.24 -19.33 22.13
N GLN B 30 24.91 -19.89 21.12
CA GLN B 30 24.29 -20.92 20.28
C GLN B 30 25.31 -21.93 19.80
N SER B 31 24.86 -23.14 19.50
CA SER B 31 25.74 -24.20 19.03
C SER B 31 26.69 -23.76 17.94
N LEU B 32 27.95 -24.16 18.07
CA LEU B 32 28.98 -23.83 17.09
C LEU B 32 29.47 -25.12 16.43
N LEU B 33 28.79 -26.21 16.73
CA LEU B 33 29.14 -27.52 16.18
C LEU B 33 28.47 -27.75 14.83
N ASN B 34 29.27 -28.12 13.84
CA ASN B 34 28.75 -28.38 12.51
C ASN B 34 28.39 -29.85 12.43
N SER B 35 27.09 -30.14 12.54
CA SER B 35 26.60 -31.51 12.48
C SER B 35 27.14 -32.24 11.25
N GLY B 36 27.26 -31.49 10.15
CA GLY B 36 27.76 -32.08 8.92
C GLY B 36 29.13 -32.73 9.06
N ASN B 37 30.13 -31.95 9.43
CA ASN B 37 31.49 -32.46 9.59
C ASN B 37 31.93 -32.63 11.04
N GLN B 38 30.95 -32.61 11.94
CA GLN B 38 31.22 -32.76 13.36
C GLN B 38 32.45 -32.00 13.81
N LYS B 39 32.49 -30.71 13.46
CA LYS B 39 33.58 -29.82 13.84
C LYS B 39 33.00 -28.55 14.46
N ASN B 40 33.69 -27.99 15.44
CA ASN B 40 33.23 -26.78 16.10
C ASN B 40 34.01 -25.61 15.54
N TYR B 41 33.31 -24.67 14.90
CA TYR B 41 33.95 -23.50 14.31
C TYR B 41 34.20 -22.41 15.34
N LEU B 42 35.17 -22.69 16.22
CA LEU B 42 35.56 -21.76 17.28
C LEU B 42 37.07 -21.60 17.19
N THR B 43 37.52 -20.37 16.98
CA THR B 43 38.95 -20.11 16.88
C THR B 43 39.41 -19.10 17.91
N TRP B 44 40.65 -19.26 18.37
CA TRP B 44 41.23 -18.35 19.37
C TRP B 44 42.33 -17.48 18.76
N TYR B 45 42.38 -16.23 19.19
CA TYR B 45 43.37 -15.30 18.71
C TYR B 45 44.15 -14.79 19.92
N GLN B 46 45.30 -14.20 19.67
CA GLN B 46 46.13 -13.65 20.73
C GLN B 46 46.56 -12.25 20.29
N GLN B 47 46.34 -11.26 21.14
CA GLN B 47 46.70 -9.90 20.79
C GLN B 47 47.43 -9.17 21.92
N LYS B 48 48.56 -8.57 21.57
CA LYS B 48 49.36 -7.82 22.52
C LYS B 48 49.25 -6.35 22.18
N PRO B 49 49.62 -5.47 23.13
CA PRO B 49 49.55 -4.01 22.92
C PRO B 49 50.02 -3.54 21.56
N GLY B 50 49.27 -2.62 20.97
CA GLY B 50 49.64 -2.07 19.68
C GLY B 50 49.93 -3.08 18.59
N GLN B 51 49.31 -4.25 18.66
CA GLN B 51 49.53 -5.27 17.65
C GLN B 51 48.22 -5.96 17.25
N PRO B 52 48.13 -6.39 15.99
CA PRO B 52 46.93 -7.06 15.51
C PRO B 52 46.79 -8.45 16.10
N PRO B 53 45.61 -9.06 16.00
CA PRO B 53 45.37 -10.40 16.53
C PRO B 53 46.19 -11.47 15.82
N LYS B 54 46.63 -12.48 16.57
CA LYS B 54 47.42 -13.58 15.99
C LYS B 54 46.64 -14.89 16.13
N LEU B 55 46.39 -15.55 15.00
CA LEU B 55 45.67 -16.82 15.02
C LEU B 55 46.39 -17.75 15.99
N LEU B 56 45.63 -18.30 16.94
CA LEU B 56 46.21 -19.20 17.93
C LEU B 56 45.69 -20.62 17.71
N ILE B 57 44.37 -20.76 17.68
CA ILE B 57 43.75 -22.06 17.50
C ILE B 57 42.46 -21.94 16.70
N TYR B 58 42.19 -22.92 15.86
CA TYR B 58 40.95 -22.92 15.07
C TYR B 58 40.28 -24.28 15.21
N TRP B 59 39.01 -24.34 14.83
CA TRP B 59 38.23 -25.57 14.94
C TRP B 59 38.32 -26.14 16.36
N ALA B 60 38.23 -25.22 17.32
CA ALA B 60 38.26 -25.53 18.74
C ALA B 60 39.56 -26.06 19.34
N SER B 61 40.22 -27.00 18.68
CA SER B 61 41.45 -27.56 19.25
C SER B 61 42.71 -27.52 18.37
N THR B 62 42.55 -27.62 17.06
CA THR B 62 43.71 -27.60 16.16
C THR B 62 44.61 -26.39 16.35
N ARG B 63 45.78 -26.61 16.96
CA ARG B 63 46.75 -25.54 17.17
C ARG B 63 47.26 -25.03 15.82
N GLU B 64 47.72 -23.80 15.80
CA GLU B 64 48.25 -23.19 14.58
C GLU B 64 49.78 -23.24 14.63
N SER B 65 50.40 -23.48 13.48
CA SER B 65 51.85 -23.55 13.38
C SER B 65 52.52 -22.42 14.17
N GLY B 66 53.29 -22.79 15.20
CA GLY B 66 53.97 -21.79 16.00
C GLY B 66 53.56 -21.78 17.47
N VAL B 67 52.28 -21.97 17.74
CA VAL B 67 51.81 -21.96 19.10
C VAL B 67 52.38 -23.14 19.87
N PRO B 68 53.14 -22.86 20.95
CA PRO B 68 53.75 -23.91 21.76
C PRO B 68 52.72 -24.94 22.27
N ASP B 69 53.22 -26.09 22.74
CA ASP B 69 52.36 -27.15 23.24
C ASP B 69 51.68 -26.81 24.56
N ARG B 70 52.22 -25.83 25.29
CA ARG B 70 51.64 -25.44 26.57
C ARG B 70 50.26 -24.80 26.37
N PHE B 71 49.91 -24.57 25.11
CA PHE B 71 48.61 -23.99 24.76
C PHE B 71 47.68 -25.13 24.36
N THR B 72 46.52 -25.21 25.02
CA THR B 72 45.58 -26.28 24.73
C THR B 72 44.17 -25.73 24.56
N GLY B 73 43.51 -26.16 23.49
CA GLY B 73 42.16 -25.71 23.23
C GLY B 73 41.21 -26.87 23.29
N SER B 74 40.06 -26.66 23.92
CA SER B 74 39.07 -27.73 24.03
C SER B 74 37.69 -27.20 24.30
N GLY B 75 36.69 -28.02 24.03
CA GLY B 75 35.30 -27.64 24.24
C GLY B 75 34.43 -28.23 23.15
N SER B 76 33.17 -27.81 23.10
CA SER B 76 32.28 -28.31 22.06
C SER B 76 30.93 -27.62 22.15
N GLY B 77 30.29 -27.41 21.00
CA GLY B 77 28.99 -26.76 20.98
C GLY B 77 29.00 -25.32 21.47
N THR B 78 28.74 -25.15 22.77
CA THR B 78 28.69 -23.82 23.36
C THR B 78 29.77 -23.57 24.40
N ASP B 79 30.39 -24.65 24.87
CA ASP B 79 31.45 -24.53 25.88
C ASP B 79 32.84 -24.76 25.31
N PHE B 80 33.71 -23.77 25.49
CA PHE B 80 35.09 -23.86 25.02
C PHE B 80 36.08 -23.24 26.00
N THR B 81 37.25 -23.84 26.11
CA THR B 81 38.28 -23.36 27.02
C THR B 81 39.67 -23.33 26.38
N LEU B 82 40.47 -22.36 26.81
CA LEU B 82 41.84 -22.21 26.33
C LEU B 82 42.68 -22.44 27.57
N THR B 83 43.64 -23.35 27.48
CA THR B 83 44.49 -23.65 28.63
C THR B 83 45.97 -23.45 28.39
N ILE B 84 46.63 -22.79 29.33
CA ILE B 84 48.07 -22.54 29.25
C ILE B 84 48.71 -23.03 30.54
N SER B 85 49.25 -24.25 30.52
CA SER B 85 49.90 -24.79 31.71
C SER B 85 51.23 -24.07 31.87
N SER B 86 51.40 -23.39 33.00
CA SER B 86 52.62 -22.64 33.28
C SER B 86 52.82 -21.56 32.23
N VAL B 87 52.16 -20.42 32.43
CA VAL B 87 52.25 -19.31 31.48
C VAL B 87 53.60 -18.60 31.60
N GLN B 88 54.15 -18.21 30.45
CA GLN B 88 55.44 -17.51 30.43
C GLN B 88 55.20 -16.01 30.42
N ALA B 89 56.17 -15.27 29.90
CA ALA B 89 56.05 -13.81 29.81
C ALA B 89 55.54 -13.46 28.43
N GLU B 90 55.99 -14.21 27.43
CA GLU B 90 55.57 -13.98 26.05
C GLU B 90 54.07 -14.28 25.92
N ASP B 91 53.50 -14.86 26.97
CA ASP B 91 52.09 -15.22 27.00
C ASP B 91 51.13 -14.14 27.47
N LEU B 92 51.66 -13.08 28.08
CA LEU B 92 50.82 -12.00 28.58
C LEU B 92 49.61 -11.72 27.69
N ALA B 93 49.82 -10.96 26.62
CA ALA B 93 48.77 -10.61 25.65
C ALA B 93 47.31 -10.55 26.15
N VAL B 94 46.39 -10.79 25.21
CA VAL B 94 44.95 -10.78 25.46
C VAL B 94 44.37 -11.87 24.55
N TYR B 95 43.37 -12.61 25.03
CA TYR B 95 42.80 -13.68 24.22
C TYR B 95 41.32 -13.58 23.88
N TYR B 96 41.04 -13.55 22.58
CA TYR B 96 39.68 -13.45 22.07
C TYR B 96 39.27 -14.75 21.39
N CYS B 97 38.07 -15.22 21.69
CA CYS B 97 37.57 -16.42 21.04
C CYS B 97 36.61 -15.92 19.98
N GLN B 98 36.53 -16.62 18.86
CA GLN B 98 35.68 -16.19 17.77
C GLN B 98 34.71 -17.21 17.24
N ASN B 99 33.55 -16.74 16.80
CA ASN B 99 32.53 -17.60 16.23
C ASN B 99 32.77 -17.57 14.74
N ASP B 100 33.02 -18.74 14.17
CA ASP B 100 33.28 -18.87 12.73
C ASP B 100 32.32 -19.90 12.14
N TYR B 101 31.20 -20.11 12.81
CA TYR B 101 30.20 -21.07 12.36
C TYR B 101 29.13 -20.44 11.47
N SER B 102 28.62 -19.28 11.85
CA SER B 102 27.58 -18.63 11.07
C SER B 102 27.67 -17.11 11.11
N TYR B 103 27.28 -16.47 10.00
CA TYR B 103 27.32 -15.02 9.87
C TYR B 103 26.22 -14.37 10.71
N PRO B 104 26.51 -13.19 11.29
CA PRO B 104 27.80 -12.52 11.17
C PRO B 104 28.81 -13.11 12.13
N LEU B 105 30.08 -13.12 11.71
CA LEU B 105 31.14 -13.63 12.55
C LEU B 105 31.19 -12.73 13.78
N THR B 106 31.41 -13.33 14.95
CA THR B 106 31.47 -12.56 16.19
C THR B 106 32.60 -12.99 17.11
N PHE B 107 33.16 -12.02 17.83
CA PHE B 107 34.26 -12.25 18.76
C PHE B 107 33.81 -12.05 20.21
N GLY B 108 34.60 -12.57 21.13
CA GLY B 108 34.27 -12.43 22.53
C GLY B 108 34.95 -11.18 23.04
N ALA B 109 34.84 -10.92 24.34
CA ALA B 109 35.45 -9.73 24.92
C ALA B 109 36.89 -9.98 25.40
N GLY B 110 37.32 -11.24 25.36
CA GLY B 110 38.67 -11.56 25.77
C GLY B 110 38.91 -11.81 27.25
N THR B 111 40.07 -12.40 27.55
CA THR B 111 40.46 -12.71 28.92
C THR B 111 41.89 -12.21 29.08
N LYS B 112 42.03 -10.91 29.31
CA LYS B 112 43.35 -10.28 29.47
C LYS B 112 44.22 -10.85 30.58
N LEU B 113 45.40 -11.34 30.21
CA LEU B 113 46.33 -11.89 31.20
C LEU B 113 47.31 -10.80 31.60
N GLU B 114 47.31 -10.45 32.89
CA GLU B 114 48.20 -9.41 33.39
C GLU B 114 49.24 -9.96 34.37
N PRO B 115 50.36 -9.24 34.54
CA PRO B 115 51.44 -9.63 35.44
C PRO B 115 51.17 -9.27 36.90
N GLU B 133 56.93 -14.91 3.59
CA GLU B 133 56.90 -13.43 3.75
C GLU B 133 55.56 -12.86 3.31
N VAL B 134 54.48 -13.41 3.88
CA VAL B 134 53.14 -12.94 3.54
C VAL B 134 52.80 -11.75 4.42
N GLN B 135 52.24 -10.69 3.82
CA GLN B 135 51.87 -9.51 4.60
C GLN B 135 50.66 -8.78 4.03
N LEU B 136 49.97 -8.04 4.90
CA LEU B 136 48.81 -7.25 4.52
C LEU B 136 49.07 -5.80 4.95
N GLN B 137 49.70 -5.03 4.07
CA GLN B 137 50.02 -3.63 4.37
C GLN B 137 48.84 -2.69 4.19
N GLN B 138 48.43 -2.07 5.30
CA GLN B 138 47.30 -1.14 5.27
C GLN B 138 47.76 0.31 5.16
N SER B 139 46.89 1.16 4.65
CA SER B 139 47.19 2.57 4.48
C SER B 139 47.37 3.35 5.80
N GLY B 140 47.90 4.57 5.69
CA GLY B 140 48.17 5.41 6.83
C GLY B 140 46.96 5.82 7.65
N ALA B 141 47.24 6.39 8.82
CA ALA B 141 46.19 6.83 9.73
C ALA B 141 45.36 7.98 9.16
N GLU B 142 44.09 8.03 9.56
CA GLU B 142 43.17 9.06 9.10
C GLU B 142 42.68 9.87 10.28
N LEU B 143 42.41 11.15 10.03
CA LEU B 143 41.93 12.07 11.05
C LEU B 143 41.02 13.10 10.37
N VAL B 144 39.72 12.84 10.39
CA VAL B 144 38.75 13.71 9.75
C VAL B 144 37.62 14.15 10.68
N ARG B 145 36.82 15.11 10.20
CA ARG B 145 35.71 15.63 10.96
C ARG B 145 34.46 14.79 10.73
N PRO B 146 33.49 14.86 11.64
CA PRO B 146 32.24 14.10 11.53
C PRO B 146 31.49 14.37 10.22
N GLY B 147 30.75 13.37 9.75
CA GLY B 147 29.99 13.51 8.53
C GLY B 147 30.75 13.14 7.27
N ALA B 148 32.06 13.28 7.30
CA ALA B 148 32.89 12.98 6.14
C ALA B 148 33.00 11.47 5.88
N SER B 149 33.81 11.11 4.89
CA SER B 149 34.05 9.72 4.53
C SER B 149 35.54 9.50 4.28
N VAL B 150 35.94 8.23 4.20
CA VAL B 150 37.34 7.90 3.96
C VAL B 150 37.47 6.50 3.35
N LYS B 151 38.54 6.26 2.61
CA LYS B 151 38.77 4.97 1.98
C LYS B 151 40.07 4.33 2.46
N LEU B 152 39.95 3.20 3.15
CA LEU B 152 41.09 2.47 3.69
C LEU B 152 41.56 1.38 2.73
N SER B 153 42.86 1.37 2.43
CA SER B 153 43.41 0.36 1.53
C SER B 153 44.13 -0.72 2.32
N CYS B 154 44.20 -1.92 1.73
CA CYS B 154 44.85 -3.06 2.35
C CYS B 154 45.44 -3.91 1.23
N THR B 155 46.76 -3.79 1.04
CA THR B 155 47.45 -4.52 -0.02
C THR B 155 48.13 -5.77 0.50
N ALA B 156 48.03 -6.83 -0.29
CA ALA B 156 48.63 -8.11 0.08
C ALA B 156 49.93 -8.37 -0.69
N SER B 157 50.88 -8.96 0.02
CA SER B 157 52.19 -9.30 -0.54
C SER B 157 52.54 -10.68 -0.04
N GLY B 158 52.80 -11.60 -0.96
CA GLY B 158 53.14 -12.94 -0.56
C GLY B 158 52.03 -13.92 -0.89
N PHE B 159 50.91 -13.40 -1.40
CA PHE B 159 49.80 -14.27 -1.78
C PHE B 159 48.79 -13.56 -2.68
N ASN B 160 48.05 -14.33 -3.45
CA ASN B 160 47.06 -13.81 -4.39
C ASN B 160 45.69 -13.69 -3.72
N ILE B 161 45.14 -12.47 -3.67
CA ILE B 161 43.86 -12.29 -3.01
C ILE B 161 42.72 -12.99 -3.74
N LYS B 162 42.97 -13.38 -4.98
CA LYS B 162 41.96 -14.08 -5.75
C LYS B 162 41.80 -15.49 -5.16
N ASP B 163 42.65 -15.80 -4.18
CA ASP B 163 42.65 -17.09 -3.49
C ASP B 163 42.03 -16.94 -2.10
N ASP B 164 41.63 -15.73 -1.74
CA ASP B 164 41.07 -15.50 -0.42
C ASP B 164 39.84 -14.62 -0.38
N PHE B 165 39.35 -14.41 0.85
CA PHE B 165 38.24 -13.54 1.15
C PHE B 165 38.99 -12.45 1.92
N MET B 166 38.71 -11.18 1.63
CA MET B 166 39.40 -10.12 2.34
C MET B 166 38.42 -9.56 3.36
N HIS B 167 38.75 -9.69 4.64
CA HIS B 167 37.89 -9.22 5.72
C HIS B 167 38.31 -7.85 6.26
N TRP B 168 37.39 -7.23 6.98
CA TRP B 168 37.62 -5.93 7.61
C TRP B 168 37.02 -6.02 8.99
N VAL B 169 37.84 -5.79 10.00
CA VAL B 169 37.39 -5.84 11.39
C VAL B 169 37.70 -4.53 12.10
N LYS B 170 36.76 -4.11 12.94
CA LYS B 170 36.90 -2.86 13.69
C LYS B 170 37.13 -3.14 15.17
N GLN B 171 38.10 -2.43 15.73
CA GLN B 171 38.42 -2.57 17.15
C GLN B 171 38.53 -1.18 17.76
N ARG B 172 37.65 -0.90 18.71
CA ARG B 172 37.64 0.39 19.38
C ARG B 172 38.62 0.37 20.54
N PRO B 173 39.16 1.54 20.92
CA PRO B 173 40.11 1.66 22.03
C PRO B 173 39.77 0.80 23.24
N GLU B 174 38.47 0.58 23.46
CA GLU B 174 38.04 -0.24 24.60
C GLU B 174 38.70 -1.62 24.56
N GLN B 175 38.41 -2.41 23.52
CA GLN B 175 39.00 -3.74 23.41
C GLN B 175 38.36 -4.67 22.38
N GLY B 176 37.04 -4.74 22.38
CA GLY B 176 36.33 -5.63 21.47
C GLY B 176 36.59 -5.59 19.98
N LEU B 177 36.53 -6.76 19.35
CA LEU B 177 36.73 -6.92 17.91
C LEU B 177 35.35 -7.04 17.25
N GLU B 178 35.10 -6.22 16.23
CA GLU B 178 33.83 -6.23 15.52
C GLU B 178 34.04 -6.57 14.05
N TRP B 179 33.35 -7.61 13.59
CA TRP B 179 33.47 -8.03 12.21
C TRP B 179 32.60 -7.13 11.34
N ILE B 180 33.21 -6.52 10.34
CA ILE B 180 32.48 -5.63 9.42
C ILE B 180 31.90 -6.40 8.25
N GLY B 181 32.77 -7.08 7.51
CA GLY B 181 32.35 -7.86 6.36
C GLY B 181 33.53 -8.43 5.60
N ARG B 182 33.25 -9.03 4.44
CA ARG B 182 34.31 -9.63 3.64
C ARG B 182 33.93 -9.65 2.17
N ILE B 183 34.94 -9.66 1.30
CA ILE B 183 34.70 -9.69 -0.13
C ILE B 183 35.54 -10.77 -0.80
N ASP B 184 34.98 -11.40 -1.83
CA ASP B 184 35.69 -12.43 -2.58
C ASP B 184 36.20 -11.77 -3.86
N PRO B 185 37.47 -11.34 -3.88
CA PRO B 185 38.06 -10.68 -5.05
C PRO B 185 37.79 -11.36 -6.39
N ALA B 186 37.69 -12.68 -6.37
CA ALA B 186 37.46 -13.46 -7.59
C ALA B 186 36.08 -13.27 -8.20
N ASN B 187 35.22 -12.49 -7.56
CA ASN B 187 33.88 -12.28 -8.10
C ASN B 187 33.13 -11.15 -7.39
N ASP B 188 33.77 -10.55 -6.39
CA ASP B 188 33.18 -9.46 -5.64
C ASP B 188 31.97 -9.85 -4.80
N ASN B 189 31.86 -11.14 -4.49
CA ASN B 189 30.77 -11.59 -3.65
C ASN B 189 31.05 -10.98 -2.27
N THR B 190 30.01 -10.46 -1.62
CA THR B 190 30.20 -9.84 -0.32
C THR B 190 29.27 -10.37 0.75
N LYS B 191 29.63 -10.11 2.00
CA LYS B 191 28.84 -10.53 3.14
C LYS B 191 29.13 -9.51 4.23
N TYR B 192 28.15 -8.69 4.56
CA TYR B 192 28.33 -7.67 5.59
C TYR B 192 27.60 -7.99 6.88
N ALA B 193 28.08 -7.40 7.97
CA ALA B 193 27.44 -7.54 9.26
C ALA B 193 26.34 -6.48 9.11
N PRO B 194 25.08 -6.90 9.24
CA PRO B 194 23.95 -5.97 9.11
C PRO B 194 24.16 -4.54 9.60
N LYS B 195 24.63 -4.37 10.83
CA LYS B 195 24.83 -3.03 11.38
C LYS B 195 25.74 -2.14 10.54
N PHE B 196 26.68 -2.74 9.81
CA PHE B 196 27.61 -1.97 9.00
C PHE B 196 27.17 -1.82 7.54
N GLN B 197 26.08 -2.48 7.16
CA GLN B 197 25.60 -2.42 5.78
C GLN B 197 25.51 -1.03 5.17
N ASP B 198 25.05 -0.05 5.96
CA ASP B 198 24.91 1.31 5.47
C ASP B 198 26.17 2.17 5.56
N LYS B 199 27.03 1.88 6.51
CA LYS B 199 28.24 2.68 6.68
C LYS B 199 29.48 2.17 5.94
N ALA B 200 29.57 0.87 5.73
CA ALA B 200 30.74 0.30 5.06
C ALA B 200 30.50 -0.30 3.68
N THR B 201 31.47 -0.08 2.80
CA THR B 201 31.42 -0.61 1.44
C THR B 201 32.80 -1.20 1.19
N ILE B 202 32.86 -2.51 1.00
CA ILE B 202 34.13 -3.20 0.75
C ILE B 202 34.33 -3.39 -0.74
N ILE B 203 35.48 -2.93 -1.24
CA ILE B 203 35.80 -3.06 -2.66
C ILE B 203 37.05 -3.90 -2.86
N ALA B 204 37.05 -4.67 -3.94
CA ALA B 204 38.18 -5.51 -4.27
C ALA B 204 38.78 -5.04 -5.58
N ASP B 205 40.10 -4.86 -5.59
CA ASP B 205 40.82 -4.43 -6.79
C ASP B 205 41.97 -5.39 -7.04
N THR B 206 41.66 -6.54 -7.63
CA THR B 206 42.64 -7.57 -7.94
C THR B 206 43.81 -7.07 -8.77
N SER B 207 43.54 -6.07 -9.62
CA SER B 207 44.56 -5.49 -10.50
C SER B 207 45.77 -5.01 -9.70
N SER B 208 45.54 -4.58 -8.46
CA SER B 208 46.62 -4.11 -7.61
C SER B 208 46.74 -5.01 -6.41
N ASN B 209 46.00 -6.10 -6.42
CA ASN B 209 46.02 -7.06 -5.32
C ASN B 209 45.74 -6.28 -4.03
N THR B 210 44.64 -5.55 -4.03
CA THR B 210 44.26 -4.73 -2.88
C THR B 210 42.77 -4.75 -2.60
N ALA B 211 42.41 -4.62 -1.33
CA ALA B 211 41.02 -4.58 -0.88
C ALA B 211 40.81 -3.22 -0.23
N TYR B 212 39.68 -2.60 -0.51
CA TYR B 212 39.39 -1.28 0.03
C TYR B 212 38.23 -1.30 1.00
N LEU B 213 38.26 -0.38 1.95
CA LEU B 213 37.19 -0.25 2.93
C LEU B 213 36.71 1.20 2.92
N GLN B 214 35.49 1.43 2.45
CA GLN B 214 34.94 2.78 2.42
C GLN B 214 33.95 2.99 3.55
N LEU B 215 34.21 4.02 4.34
CA LEU B 215 33.34 4.35 5.47
C LEU B 215 32.68 5.67 5.14
N SER B 216 31.36 5.73 5.34
CA SER B 216 30.62 6.95 5.06
C SER B 216 29.98 7.56 6.31
N SER B 217 29.61 8.84 6.21
CA SER B 217 28.99 9.54 7.33
C SER B 217 29.72 9.25 8.64
N LEU B 218 31.00 9.60 8.70
CA LEU B 218 31.80 9.36 9.89
C LEU B 218 31.28 10.08 11.13
N THR B 219 31.40 9.40 12.26
CA THR B 219 31.01 9.94 13.57
C THR B 219 32.13 9.54 14.54
N SER B 220 32.11 10.12 15.74
CA SER B 220 33.13 9.79 16.73
C SER B 220 33.07 8.31 17.07
N GLU B 221 31.88 7.73 16.92
CA GLU B 221 31.67 6.32 17.21
C GLU B 221 32.36 5.42 16.16
N ASP B 222 32.95 6.06 15.16
CA ASP B 222 33.66 5.35 14.12
C ASP B 222 35.15 5.31 14.45
N THR B 223 35.55 6.10 15.44
CA THR B 223 36.94 6.16 15.88
C THR B 223 37.33 4.80 16.42
N ALA B 224 38.37 4.21 15.81
CA ALA B 224 38.88 2.91 16.21
C ALA B 224 39.91 2.46 15.19
N VAL B 225 40.45 1.26 15.39
CA VAL B 225 41.44 0.73 14.46
C VAL B 225 40.78 -0.31 13.56
N TYR B 226 40.99 -0.18 12.26
CA TYR B 226 40.41 -1.12 11.32
C TYR B 226 41.46 -2.05 10.73
N TYR B 227 41.31 -3.34 11.02
CA TYR B 227 42.22 -4.36 10.53
C TYR B 227 41.64 -5.02 9.27
N CYS B 228 42.51 -5.58 8.45
CA CYS B 228 42.05 -6.31 7.28
C CYS B 228 42.63 -7.70 7.44
N ALA B 229 41.82 -8.72 7.16
CA ALA B 229 42.29 -10.09 7.33
C ALA B 229 41.97 -10.93 6.11
N ARG B 230 42.70 -12.04 5.99
CA ARG B 230 42.52 -12.93 4.87
C ARG B 230 42.08 -14.32 5.30
N ARG B 231 41.23 -14.92 4.49
CA ARG B 231 40.79 -16.27 4.73
C ARG B 231 40.91 -17.00 3.41
N GLU B 232 41.88 -17.91 3.31
CA GLU B 232 42.06 -18.65 2.08
C GLU B 232 40.80 -19.47 1.84
N VAL B 233 40.41 -19.60 0.57
CA VAL B 233 39.20 -20.35 0.25
C VAL B 233 39.37 -21.32 -0.91
N TYR B 234 40.58 -21.87 -1.05
CA TYR B 234 40.85 -22.82 -2.12
C TYR B 234 40.95 -24.24 -1.56
N SER B 235 40.83 -24.36 -0.23
CA SER B 235 40.86 -25.65 0.44
C SER B 235 39.54 -25.80 1.17
N TYR B 236 39.34 -26.93 1.85
CA TYR B 236 38.08 -27.15 2.55
C TYR B 236 37.75 -26.06 3.54
N TYR B 237 38.71 -25.71 4.39
CA TYR B 237 38.50 -24.67 5.38
C TYR B 237 39.80 -24.12 5.94
N SER B 238 39.77 -22.85 6.33
CA SER B 238 40.92 -22.18 6.92
C SER B 238 40.41 -20.95 7.67
N PRO B 239 41.02 -20.64 8.82
CA PRO B 239 40.60 -19.48 9.61
C PRO B 239 41.23 -18.19 9.12
N LEU B 240 40.96 -17.09 9.82
CA LEU B 240 41.53 -15.80 9.45
C LEU B 240 42.95 -15.83 10.03
N ASP B 241 43.88 -16.42 9.30
CA ASP B 241 45.25 -16.55 9.77
C ASP B 241 46.18 -15.36 9.62
N VAL B 242 45.90 -14.45 8.68
CA VAL B 242 46.78 -13.29 8.49
C VAL B 242 46.04 -11.97 8.60
N TRP B 243 46.49 -11.13 9.52
CA TRP B 243 45.87 -9.84 9.75
C TRP B 243 46.82 -8.69 9.46
N GLY B 244 46.28 -7.58 8.98
CA GLY B 244 47.14 -6.44 8.72
C GLY B 244 47.46 -5.73 10.02
N ALA B 245 48.41 -4.80 9.96
CA ALA B 245 48.79 -4.05 11.15
C ALA B 245 47.67 -3.11 11.57
N GLY B 246 46.72 -2.89 10.67
CA GLY B 246 45.62 -2.00 10.98
C GLY B 246 45.89 -0.56 10.57
N THR B 247 44.82 0.24 10.54
CA THR B 247 44.93 1.64 10.18
C THR B 247 44.01 2.43 11.09
N THR B 248 44.57 3.41 11.79
CA THR B 248 43.79 4.23 12.71
C THR B 248 42.96 5.31 12.04
N VAL B 249 41.69 5.36 12.41
CA VAL B 249 40.74 6.35 11.90
C VAL B 249 40.23 7.11 13.13
N THR B 250 40.48 8.41 13.16
CA THR B 250 40.05 9.22 14.29
C THR B 250 39.09 10.30 13.87
N VAL B 251 37.88 10.25 14.43
CA VAL B 251 36.84 11.24 14.16
C VAL B 251 36.51 11.94 15.47
N PRO B 252 37.29 12.99 15.82
CA PRO B 252 37.06 13.73 17.06
C PRO B 252 35.63 14.25 17.17
N SER B 253 35.06 14.13 18.36
CA SER B 253 33.70 14.55 18.61
C SER B 253 33.60 16.07 18.73
N GLY B 254 32.52 16.63 18.18
CA GLY B 254 32.30 18.07 18.19
C GLY B 254 31.16 18.43 17.27
N SER B 255 31.17 19.66 16.76
CA SER B 255 30.12 20.10 15.85
C SER B 255 30.44 21.43 15.19
N GLU B 256 29.56 21.86 14.29
CA GLU B 256 29.74 23.13 13.58
C GLU B 256 29.07 24.25 14.35
N GLN B 257 29.70 25.41 14.36
CA GLN B 257 29.16 26.58 15.06
C GLN B 257 29.00 27.77 14.12
N LYS B 258 28.42 28.79 14.56
N VAL C 1 -36.84 26.59 -18.95
CA VAL C 1 -38.19 27.13 -19.21
C VAL C 1 -39.05 26.76 -17.99
N VAL C 2 -38.64 25.72 -17.27
CA VAL C 2 -39.39 25.23 -16.11
C VAL C 2 -39.70 26.26 -15.04
N GLN C 3 -38.67 26.87 -14.50
CA GLN C 3 -38.89 27.86 -13.45
C GLN C 3 -39.73 29.03 -13.95
N GLU C 4 -39.65 29.29 -15.25
CA GLU C 4 -40.39 30.39 -15.84
C GLU C 4 -41.83 29.98 -16.10
N ALA C 5 -42.03 28.69 -16.37
CA ALA C 5 -43.37 28.17 -16.65
C ALA C 5 -44.16 28.11 -15.35
N LEU C 6 -43.46 27.85 -14.25
CA LEU C 6 -44.11 27.77 -12.95
C LEU C 6 -44.58 29.17 -12.56
N ASP C 7 -43.66 30.12 -12.57
CA ASP C 7 -43.98 31.50 -12.21
C ASP C 7 -45.20 31.94 -12.98
N LYS C 8 -45.16 31.74 -14.29
CA LYS C 8 -46.27 32.13 -15.17
C LYS C 8 -47.57 31.43 -14.76
N ALA C 9 -47.45 30.18 -14.32
CA ALA C 9 -48.62 29.41 -13.93
C ALA C 9 -49.26 29.93 -12.66
N ARG C 10 -48.44 30.18 -11.64
CA ARG C 10 -48.94 30.68 -10.37
C ARG C 10 -49.42 32.13 -10.51
N GLU C 11 -48.51 33.00 -10.92
CA GLU C 11 -48.81 34.42 -11.10
C GLU C 11 -50.01 34.63 -12.01
N GLY C 12 -51.15 34.34 -11.55
N VAL D 1 25.78 -21.44 8.14
CA VAL D 1 25.97 -20.73 6.86
C VAL D 1 27.43 -20.75 6.39
N VAL D 2 28.33 -20.14 7.16
CA VAL D 2 29.74 -20.03 6.80
C VAL D 2 30.32 -21.12 5.91
N GLN D 3 30.58 -22.29 6.50
CA GLN D 3 31.15 -23.41 5.77
C GLN D 3 30.48 -23.59 4.41
N GLU D 4 29.17 -23.40 4.39
CA GLU D 4 28.43 -23.54 3.14
C GLU D 4 28.86 -22.44 2.16
N ALA D 5 29.16 -21.26 2.70
CA ALA D 5 29.60 -20.15 1.87
C ALA D 5 31.00 -20.46 1.36
N LEU D 6 31.79 -21.11 2.22
CA LEU D 6 33.15 -21.49 1.85
C LEU D 6 33.19 -22.54 0.75
N ASP D 7 32.31 -23.55 0.83
CA ASP D 7 32.29 -24.59 -0.18
C ASP D 7 31.86 -24.04 -1.53
N LYS D 8 30.93 -23.10 -1.51
CA LYS D 8 30.40 -22.47 -2.71
C LYS D 8 31.52 -21.72 -3.40
N ALA D 9 32.34 -21.04 -2.59
CA ALA D 9 33.45 -20.26 -3.11
C ALA D 9 34.54 -21.15 -3.69
N ARG D 10 34.87 -22.21 -2.96
CA ARG D 10 35.90 -23.14 -3.40
C ARG D 10 35.38 -23.92 -4.62
N GLU D 11 34.06 -23.93 -4.78
CA GLU D 11 33.43 -24.60 -5.91
C GLU D 11 33.55 -23.69 -7.13
N GLY D 12 33.36 -22.40 -6.92
CA GLY D 12 33.44 -21.47 -8.02
C GLY D 12 34.84 -21.43 -8.60
N ARG D 13 35.79 -21.96 -7.85
CA ARG D 13 37.19 -22.00 -8.29
C ARG D 13 37.48 -23.42 -8.75
N THR D 14 36.44 -24.25 -8.72
CA THR D 14 36.51 -25.66 -9.10
C THR D 14 37.26 -26.47 -8.07
#